data_3LMZ
#
_entry.id   3LMZ
#
_cell.length_a   78.594
_cell.length_b   81.906
_cell.length_c   95.485
_cell.angle_alpha   90.000
_cell.angle_beta   90.000
_cell.angle_gamma   90.000
#
_symmetry.space_group_name_H-M   'C 2 2 21'
#
loop_
_entity.id
_entity.type
_entity.pdbx_description
1 polymer 'Putative sugar isomerase'
2 non-polymer 'CITRIC ACID'
3 non-polymer DI(HYDROXYETHYL)ETHER
4 non-polymer 'TRIETHYLENE GLYCOL'
5 water water
#
_entity_poly.entity_id   1
_entity_poly.type   'polypeptide(L)'
_entity_poly.pdbx_seq_one_letter_code
;GALPDPVKPKAPKAVNPFHLG(MSE)AGYTFVNFDLDTTLKTLERLDIHYLCIKDFHLPLNSTDEQIRAFHDKCAAHKVT
GYAVGPIY(MSE)KSEEEIDRAFDYAKRVGVKLIVGVPNYELLPYVDKKVKEYDFHYAIHLHGPDIKTYPDATDVWVHTK
DLDPRIG(MSE)CLDVGHDLRNGCDPVADLKKYHTRVFD(MSE)HIKDVTDSSKAGVGIEIGRGKIDFPALIR(MSE)
(MSE)REVNYTG(MSE)CSLEYEKD(MSE)KDPFLGIAESIGYFKAVSDLT
;
_entity_poly.pdbx_strand_id   A
#
# COMPACT_ATOMS: atom_id res chain seq x y z
N VAL A 7 14.32 27.47 27.81
CA VAL A 7 13.81 26.33 26.95
C VAL A 7 13.04 26.83 25.72
N LYS A 8 13.49 26.41 24.53
N LYS A 8 13.46 26.38 24.53
CA LYS A 8 12.89 26.78 23.26
CA LYS A 8 12.90 26.81 23.26
C LYS A 8 12.27 25.56 22.57
C LYS A 8 12.29 25.60 22.52
N PRO A 9 10.94 25.54 22.43
CA PRO A 9 10.25 24.48 21.70
C PRO A 9 10.75 24.27 20.28
N LYS A 10 10.82 23.00 19.88
CA LYS A 10 11.17 22.69 18.50
C LYS A 10 10.06 23.10 17.53
N ALA A 11 10.38 23.11 16.25
CA ALA A 11 9.39 23.47 15.25
C ALA A 11 8.20 22.52 15.25
N PRO A 12 6.98 23.07 15.05
CA PRO A 12 5.82 22.20 14.84
C PRO A 12 6.06 21.26 13.70
N LYS A 13 5.60 20.02 13.85
CA LYS A 13 5.68 19.07 12.73
C LYS A 13 4.73 19.47 11.60
N ALA A 14 5.22 19.29 10.37
CA ALA A 14 4.44 19.62 9.17
C ALA A 14 3.16 18.80 9.09
N VAL A 15 2.13 19.42 8.50
CA VAL A 15 0.84 18.75 8.25
C VAL A 15 0.90 18.05 6.93
N ASN A 16 0.42 16.80 6.91
CA ASN A 16 0.42 16.01 5.67
C ASN A 16 -0.94 15.41 5.45
N PRO A 17 -1.38 15.28 4.20
CA PRO A 17 -2.72 14.75 3.91
C PRO A 17 -2.87 13.23 3.94
N PHE A 18 -1.75 12.56 3.77
CA PHE A 18 -1.67 11.12 3.73
C PHE A 18 -1.59 10.50 5.14
N HIS A 19 -1.80 9.19 5.20
CA HIS A 19 -1.72 8.44 6.45
C HIS A 19 -0.62 7.36 6.32
N LEU A 20 0.22 7.22 7.32
CA LEU A 20 1.25 6.20 7.38
C LEU A 20 0.65 4.85 7.76
N GLY A 21 0.98 3.83 6.97
CA GLY A 21 0.54 2.47 7.26
C GLY A 21 1.61 1.44 7.00
N ALA A 23 2.13 -2.27 4.84
CA ALA A 23 1.69 -3.22 3.84
C ALA A 23 1.91 -4.61 4.48
N GLY A 24 0.94 -5.53 4.33
CA GLY A 24 1.01 -6.80 5.04
C GLY A 24 2.19 -7.69 4.64
N TYR A 25 2.63 -7.65 3.39
CA TYR A 25 3.74 -8.49 2.95
C TYR A 25 5.02 -8.26 3.75
N THR A 26 5.16 -7.04 4.31
CA THR A 26 6.29 -6.80 5.21
C THR A 26 6.44 -7.92 6.27
N PHE A 27 5.27 -8.42 6.76
CA PHE A 27 5.17 -9.42 7.80
C PHE A 27 4.75 -10.78 7.25
N VAL A 28 5.15 -11.14 6.04
CA VAL A 28 4.78 -12.45 5.48
C VAL A 28 5.27 -13.60 6.33
N ASN A 29 6.40 -13.42 7.03
CA ASN A 29 6.97 -14.46 7.86
C ASN A 29 6.52 -14.45 9.34
N PHE A 30 5.58 -13.55 9.68
CA PHE A 30 5.13 -13.31 11.04
C PHE A 30 3.63 -13.35 11.20
N ASP A 31 3.17 -13.80 12.36
CA ASP A 31 1.76 -13.84 12.64
C ASP A 31 1.15 -12.48 12.90
N LEU A 32 -0.16 -12.47 12.98
CA LEU A 32 -0.87 -11.19 13.20
C LEU A 32 -0.52 -10.55 14.55
N ASP A 33 -0.39 -11.37 15.59
N ASP A 33 -0.40 -11.36 15.59
CA ASP A 33 0.00 -10.84 16.91
CA ASP A 33 -0.05 -10.82 16.91
C ASP A 33 1.29 -10.03 16.81
C ASP A 33 1.32 -10.06 16.88
N THR A 34 2.32 -10.67 16.25
CA THR A 34 3.64 -10.02 16.11
C THR A 34 3.51 -8.75 15.25
N THR A 35 2.75 -8.83 14.16
CA THR A 35 2.54 -7.66 13.27
C THR A 35 1.91 -6.51 14.03
N LEU A 36 0.81 -6.75 14.75
CA LEU A 36 0.11 -5.68 15.45
C LEU A 36 0.97 -5.11 16.59
N LYS A 37 1.68 -5.93 17.32
CA LYS A 37 2.54 -5.46 18.38
C LYS A 37 3.65 -4.53 17.80
N THR A 38 4.19 -4.90 16.64
CA THR A 38 5.19 -4.11 16.02
C THR A 38 4.62 -2.78 15.59
N LEU A 39 3.47 -2.77 14.90
CA LEU A 39 2.87 -1.48 14.53
C LEU A 39 2.60 -0.60 15.75
N GLU A 40 2.07 -1.20 16.80
CA GLU A 40 1.74 -0.49 18.04
C GLU A 40 3.00 0.24 18.57
N ARG A 41 4.12 -0.49 18.63
CA ARG A 41 5.38 0.06 19.16
C ARG A 41 5.92 1.19 18.22
N LEU A 42 5.67 1.05 16.91
CA LEU A 42 6.05 2.08 15.95
C LEU A 42 5.10 3.25 15.80
N ASP A 43 4.01 3.26 16.59
CA ASP A 43 2.98 4.31 16.47
C ASP A 43 2.34 4.38 15.09
N ILE A 44 2.09 3.22 14.50
CA ILE A 44 1.46 3.08 13.18
C ILE A 44 0.05 2.52 13.41
N HIS A 45 -0.91 3.12 12.74
CA HIS A 45 -2.34 2.90 13.05
C HIS A 45 -3.11 2.29 11.91
N TYR A 46 -2.42 1.95 10.80
CA TYR A 46 -3.12 1.41 9.64
C TYR A 46 -2.34 0.21 9.07
N LEU A 47 -3.11 -0.84 8.72
CA LEU A 47 -2.57 -2.08 8.20
C LEU A 47 -3.41 -2.46 6.95
N CYS A 48 -2.69 -2.80 5.88
CA CYS A 48 -3.34 -3.39 4.74
C CYS A 48 -3.42 -4.91 4.96
N ILE A 49 -4.62 -5.50 4.80
CA ILE A 49 -4.88 -6.85 5.28
C ILE A 49 -4.53 -7.90 4.22
N LYS A 50 -3.68 -8.88 4.60
CA LYS A 50 -3.28 -9.99 3.76
C LYS A 50 -3.92 -11.30 4.20
N ASP A 51 -4.10 -12.16 3.21
CA ASP A 51 -4.73 -13.46 3.43
C ASP A 51 -4.03 -14.33 4.46
N PHE A 52 -2.70 -14.19 4.61
CA PHE A 52 -1.96 -14.94 5.64
C PHE A 52 -2.21 -14.50 7.08
N HIS A 53 -2.84 -13.33 7.23
CA HIS A 53 -3.37 -12.86 8.49
C HIS A 53 -4.90 -13.03 8.66
N LEU A 54 -5.65 -12.83 7.56
CA LEU A 54 -7.10 -13.00 7.61
C LEU A 54 -7.53 -13.70 6.31
N PRO A 55 -7.57 -15.02 6.36
CA PRO A 55 -7.94 -15.77 5.15
C PRO A 55 -9.31 -15.40 4.61
N LEU A 56 -9.46 -15.54 3.28
CA LEU A 56 -10.67 -15.13 2.60
C LEU A 56 -11.92 -15.89 3.09
N ASN A 57 -11.78 -17.10 3.59
CA ASN A 57 -12.94 -17.84 4.06
C ASN A 57 -13.12 -17.74 5.56
N SER A 58 -12.49 -16.75 6.20
CA SER A 58 -12.68 -16.56 7.62
C SER A 58 -14.16 -16.39 7.94
N THR A 59 -14.60 -16.92 9.08
CA THR A 59 -15.99 -16.79 9.48
C THR A 59 -16.31 -15.39 9.95
N ASP A 60 -17.59 -15.10 10.09
CA ASP A 60 -18.00 -13.78 10.61
C ASP A 60 -17.37 -13.54 11.98
N GLU A 61 -17.38 -14.58 12.83
CA GLU A 61 -16.81 -14.47 14.18
C GLU A 61 -15.31 -14.23 14.09
N GLN A 62 -14.61 -14.95 13.21
CA GLN A 62 -13.17 -14.70 13.01
C GLN A 62 -12.86 -13.27 12.54
N ILE A 63 -13.71 -12.73 11.67
CA ILE A 63 -13.58 -11.34 11.22
C ILE A 63 -13.76 -10.36 12.37
N ARG A 64 -14.80 -10.57 13.18
N ARG A 64 -14.78 -10.57 13.20
CA ARG A 64 -15.00 -9.74 14.38
CA ARG A 64 -14.97 -9.70 14.35
C ARG A 64 -13.75 -9.79 15.27
C ARG A 64 -13.76 -9.79 15.29
N ALA A 65 -13.23 -11.00 15.50
CA ALA A 65 -12.06 -11.21 16.38
C ALA A 65 -10.86 -10.46 15.81
N PHE A 66 -10.71 -10.45 14.50
CA PHE A 66 -9.62 -9.73 13.82
C PHE A 66 -9.73 -8.26 14.06
N HIS A 67 -10.93 -7.72 13.89
CA HIS A 67 -11.14 -6.31 14.13
C HIS A 67 -10.87 -5.92 15.59
N ASP A 68 -11.31 -6.78 16.52
CA ASP A 68 -11.14 -6.46 17.92
C ASP A 68 -9.67 -6.47 18.30
N LYS A 69 -8.91 -7.43 17.76
N LYS A 69 -8.93 -7.44 17.76
CA LYS A 69 -7.48 -7.48 18.06
CA LYS A 69 -7.51 -7.55 17.99
C LYS A 69 -6.78 -6.25 17.47
C LYS A 69 -6.74 -6.33 17.44
N CYS A 70 -7.10 -5.93 16.22
CA CYS A 70 -6.55 -4.72 15.60
C CYS A 70 -6.82 -3.47 16.49
N ALA A 71 -8.07 -3.30 16.93
CA ALA A 71 -8.46 -2.14 17.74
C ALA A 71 -7.70 -2.12 19.07
N ALA A 72 -7.51 -3.30 19.66
CA ALA A 72 -6.78 -3.36 20.92
C ALA A 72 -5.33 -2.84 20.82
N HIS A 73 -4.76 -2.93 19.61
CA HIS A 73 -3.46 -2.40 19.30
C HIS A 73 -3.47 -1.08 18.57
N LYS A 74 -4.65 -0.44 18.55
CA LYS A 74 -4.83 0.88 17.95
C LYS A 74 -4.48 0.86 16.46
N VAL A 75 -4.88 -0.22 15.80
CA VAL A 75 -4.71 -0.38 14.36
C VAL A 75 -6.05 -0.60 13.68
N THR A 76 -6.20 0.04 12.54
CA THR A 76 -7.32 -0.09 11.61
C THR A 76 -6.85 -0.84 10.35
N GLY A 77 -7.55 -1.92 10.02
CA GLY A 77 -7.36 -2.58 8.76
C GLY A 77 -8.09 -1.77 7.69
N TYR A 78 -7.34 -1.09 6.83
CA TYR A 78 -7.91 -0.05 5.96
C TYR A 78 -8.27 -0.49 4.54
N ALA A 79 -7.70 -1.62 4.12
CA ALA A 79 -7.92 -2.19 2.81
C ALA A 79 -7.53 -3.66 2.91
N VAL A 80 -7.87 -4.36 1.83
CA VAL A 80 -7.42 -5.76 1.67
C VAL A 80 -6.53 -5.92 0.44
N GLY A 81 -5.47 -6.73 0.60
CA GLY A 81 -4.61 -7.10 -0.53
C GLY A 81 -3.18 -6.68 -0.37
N PRO A 82 -2.38 -6.78 -1.42
CA PRO A 82 -2.80 -7.24 -2.74
C PRO A 82 -3.41 -8.65 -2.81
N ILE A 83 -4.45 -8.78 -3.61
CA ILE A 83 -5.09 -10.05 -3.93
C ILE A 83 -4.95 -10.28 -5.45
N TYR A 84 -4.26 -11.32 -5.85
CA TYR A 84 -4.09 -11.68 -7.23
C TYR A 84 -5.42 -12.32 -7.70
N LYS A 86 -7.20 -14.16 -11.12
CA LYS A 86 -7.02 -14.70 -12.48
C LYS A 86 -8.31 -15.27 -13.08
N SER A 87 -9.43 -15.10 -12.41
CA SER A 87 -10.72 -15.54 -12.94
C SER A 87 -11.82 -14.68 -12.35
N GLU A 88 -12.99 -14.72 -12.99
CA GLU A 88 -14.12 -13.95 -12.52
C GLU A 88 -14.51 -14.43 -11.10
N GLU A 89 -14.43 -15.74 -10.88
CA GLU A 89 -14.76 -16.29 -9.55
C GLU A 89 -13.85 -15.68 -8.46
N GLU A 90 -12.55 -15.57 -8.73
CA GLU A 90 -11.66 -14.97 -7.74
C GLU A 90 -12.04 -13.53 -7.46
N ILE A 91 -12.44 -12.81 -8.51
CA ILE A 91 -12.85 -11.43 -8.36
C ILE A 91 -14.10 -11.40 -7.48
N ASP A 92 -15.07 -12.25 -7.82
CA ASP A 92 -16.31 -12.35 -7.02
C ASP A 92 -15.99 -12.58 -5.55
N ARG A 93 -15.12 -13.54 -5.29
CA ARG A 93 -14.73 -13.85 -3.92
C ARG A 93 -14.02 -12.68 -3.21
N ALA A 94 -13.18 -11.95 -3.94
CA ALA A 94 -12.44 -10.83 -3.34
C ALA A 94 -13.35 -9.66 -2.95
N PHE A 95 -14.33 -9.36 -3.80
CA PHE A 95 -15.24 -8.25 -3.52
C PHE A 95 -16.13 -8.66 -2.33
N ASP A 96 -16.61 -9.89 -2.31
N ASP A 96 -16.61 -9.90 -2.33
CA ASP A 96 -17.47 -10.28 -1.19
CA ASP A 96 -17.46 -10.40 -1.23
C ASP A 96 -16.67 -10.26 0.13
C ASP A 96 -16.71 -10.37 0.12
N TYR A 97 -15.42 -10.74 0.08
CA TYR A 97 -14.53 -10.68 1.24
C TYR A 97 -14.32 -9.24 1.73
N ALA A 98 -14.03 -8.31 0.79
CA ALA A 98 -13.91 -6.92 1.21
C ALA A 98 -15.15 -6.40 1.95
N LYS A 99 -16.31 -6.75 1.42
CA LYS A 99 -17.56 -6.30 2.03
C LYS A 99 -17.71 -6.88 3.43
N ARG A 100 -17.41 -8.17 3.55
CA ARG A 100 -17.51 -8.85 4.84
C ARG A 100 -16.54 -8.28 5.90
N VAL A 101 -15.38 -7.84 5.44
CA VAL A 101 -14.29 -7.32 6.29
C VAL A 101 -14.58 -5.85 6.59
N GLY A 102 -15.48 -5.20 5.83
CA GLY A 102 -15.88 -3.81 6.09
C GLY A 102 -14.95 -2.75 5.53
N VAL A 103 -14.17 -3.07 4.48
CA VAL A 103 -13.35 -2.08 3.78
C VAL A 103 -13.99 -1.68 2.44
N LYS A 104 -13.54 -0.54 1.90
CA LYS A 104 -14.04 -0.03 0.62
C LYS A 104 -12.93 0.13 -0.40
N LEU A 105 -11.76 -0.43 -0.09
CA LEU A 105 -10.57 -0.36 -0.97
C LEU A 105 -9.96 -1.76 -1.02
N ILE A 106 -9.79 -2.19 -2.26
CA ILE A 106 -9.20 -3.49 -2.60
C ILE A 106 -7.92 -3.20 -3.41
N VAL A 107 -6.79 -3.74 -2.95
CA VAL A 107 -5.53 -3.73 -3.67
C VAL A 107 -5.47 -5.09 -4.39
N GLY A 108 -5.36 -5.04 -5.72
CA GLY A 108 -5.49 -6.23 -6.57
C GLY A 108 -4.46 -6.34 -7.66
N VAL A 109 -4.32 -7.57 -8.18
CA VAL A 109 -3.58 -7.80 -9.39
C VAL A 109 -4.44 -8.65 -10.30
N PRO A 110 -5.32 -8.01 -11.10
CA PRO A 110 -6.21 -8.78 -12.03
C PRO A 110 -5.53 -9.00 -13.37
N ASN A 111 -5.74 -10.16 -13.97
CA ASN A 111 -5.28 -10.36 -15.34
C ASN A 111 -5.88 -9.23 -16.21
N TYR A 112 -5.13 -8.76 -17.20
CA TYR A 112 -5.62 -7.64 -18.04
C TYR A 112 -7.01 -7.89 -18.59
N GLU A 113 -7.25 -9.10 -19.04
CA GLU A 113 -8.55 -9.39 -19.69
C GLU A 113 -9.72 -9.32 -18.75
N LEU A 114 -9.43 -9.30 -17.46
CA LEU A 114 -10.45 -9.19 -16.42
C LEU A 114 -10.77 -7.79 -15.95
N LEU A 115 -10.09 -6.78 -16.51
CA LEU A 115 -10.39 -5.40 -16.15
C LEU A 115 -11.86 -4.99 -16.38
N PRO A 116 -12.48 -5.42 -17.50
CA PRO A 116 -13.92 -5.13 -17.63
C PRO A 116 -14.78 -5.70 -16.48
N TYR A 117 -14.43 -6.89 -16.00
CA TYR A 117 -15.14 -7.46 -14.88
C TYR A 117 -14.90 -6.70 -13.57
N VAL A 118 -13.67 -6.28 -13.33
CA VAL A 118 -13.39 -5.39 -12.20
C VAL A 118 -14.24 -4.12 -12.27
N ASP A 119 -14.38 -3.57 -13.46
CA ASP A 119 -15.25 -2.41 -13.72
C ASP A 119 -16.69 -2.67 -13.28
N LYS A 120 -17.24 -3.81 -13.71
CA LYS A 120 -18.58 -4.24 -13.29
C LYS A 120 -18.68 -4.34 -11.77
N LYS A 121 -17.65 -4.86 -11.11
CA LYS A 121 -17.70 -5.10 -9.67
C LYS A 121 -17.53 -3.80 -8.85
N VAL A 122 -16.72 -2.85 -9.33
CA VAL A 122 -16.63 -1.61 -8.61
C VAL A 122 -17.97 -0.89 -8.70
N LYS A 123 -18.75 -1.03 -9.79
CA LYS A 123 -20.08 -0.43 -9.88
C LYS A 123 -21.07 -1.10 -8.93
N GLU A 124 -20.99 -2.42 -8.82
CA GLU A 124 -21.88 -3.19 -7.99
C GLU A 124 -21.68 -2.87 -6.52
N TYR A 125 -20.45 -2.71 -6.07
CA TYR A 125 -20.10 -2.61 -4.66
C TYR A 125 -19.77 -1.17 -4.20
N ASP A 126 -19.50 -0.28 -5.14
CA ASP A 126 -19.01 1.08 -4.87
C ASP A 126 -17.74 1.03 -4.00
N PHE A 127 -16.74 0.29 -4.49
CA PHE A 127 -15.41 0.21 -3.88
C PHE A 127 -14.37 0.80 -4.87
N HIS A 128 -13.27 1.31 -4.31
CA HIS A 128 -12.08 1.63 -5.09
C HIS A 128 -11.24 0.36 -5.18
N TYR A 129 -10.49 0.26 -6.28
CA TYR A 129 -9.68 -0.88 -6.63
C TYR A 129 -8.33 -0.36 -7.13
N ALA A 130 -7.26 -0.71 -6.41
CA ALA A 130 -5.92 -0.20 -6.66
C ALA A 130 -5.04 -1.35 -7.15
N ILE A 131 -4.61 -1.28 -8.41
CA ILE A 131 -3.78 -2.32 -9.04
C ILE A 131 -2.31 -2.12 -8.59
N HIS A 132 -1.72 -3.18 -8.02
CA HIS A 132 -0.31 -3.10 -7.55
C HIS A 132 0.67 -3.30 -8.71
N LEU A 133 1.35 -2.22 -9.08
CA LEU A 133 2.38 -2.29 -10.14
C LEU A 133 3.62 -2.96 -9.56
N HIS A 134 4.39 -3.61 -10.45
CA HIS A 134 5.33 -4.65 -10.05
C HIS A 134 6.75 -4.53 -10.53
N GLY A 135 7.06 -3.53 -11.32
CA GLY A 135 8.43 -3.28 -11.77
C GLY A 135 8.88 -4.15 -12.91
N PRO A 136 10.15 -4.01 -13.25
CA PRO A 136 10.66 -4.54 -14.49
C PRO A 136 10.79 -6.05 -14.56
N ASP A 137 10.71 -6.76 -13.45
CA ASP A 137 10.79 -8.26 -13.48
C ASP A 137 9.48 -8.95 -13.93
N ILE A 138 8.36 -8.21 -13.95
CA ILE A 138 7.03 -8.78 -14.14
C ILE A 138 6.37 -8.16 -15.40
N LYS A 139 5.72 -8.97 -16.23
CA LYS A 139 5.22 -8.51 -17.52
C LYS A 139 3.99 -7.62 -17.44
N THR A 140 3.13 -7.92 -16.47
CA THR A 140 1.87 -7.22 -16.34
C THR A 140 2.00 -6.15 -15.27
N TYR A 141 1.54 -4.96 -15.61
CA TYR A 141 1.62 -3.78 -14.75
C TYR A 141 3.01 -3.48 -14.26
N PRO A 142 3.97 -3.34 -15.18
CA PRO A 142 5.31 -3.05 -14.71
C PRO A 142 5.46 -1.71 -14.03
N ASP A 143 4.66 -0.72 -14.44
CA ASP A 143 4.83 0.64 -13.93
C ASP A 143 3.51 1.45 -13.90
N ALA A 144 3.58 2.68 -13.42
CA ALA A 144 2.40 3.48 -13.20
C ALA A 144 1.75 3.82 -14.56
N THR A 145 2.56 4.08 -15.60
CA THR A 145 2.02 4.41 -16.92
C THR A 145 1.21 3.27 -17.47
N ASP A 146 1.69 2.04 -17.26
CA ASP A 146 0.95 0.89 -17.76
C ASP A 146 -0.40 0.73 -17.06
N VAL A 147 -0.48 1.03 -15.78
CA VAL A 147 -1.75 0.95 -15.09
C VAL A 147 -2.65 2.04 -15.57
N TRP A 148 -2.10 3.24 -15.77
CA TRP A 148 -2.84 4.35 -16.29
C TRP A 148 -3.48 4.03 -17.62
N VAL A 149 -2.65 3.55 -18.56
N VAL A 149 -2.65 3.59 -18.59
CA VAL A 149 -3.14 3.30 -19.92
CA VAL A 149 -3.18 3.33 -19.93
C VAL A 149 -4.26 2.25 -19.92
C VAL A 149 -4.30 2.27 -19.90
N HIS A 150 -4.18 1.28 -19.01
CA HIS A 150 -5.22 0.21 -18.92
C HIS A 150 -6.46 0.59 -18.14
N THR A 151 -6.42 1.70 -17.40
CA THR A 151 -7.53 2.12 -16.57
C THR A 151 -8.18 3.49 -16.91
N LYS A 152 -7.51 4.36 -17.68
CA LYS A 152 -7.93 5.73 -17.83
C LYS A 152 -9.32 5.83 -18.48
N ASP A 153 -9.71 4.83 -19.28
CA ASP A 153 -10.99 4.85 -19.93
C ASP A 153 -12.09 4.07 -19.21
N LEU A 154 -11.72 3.44 -18.08
CA LEU A 154 -12.63 2.62 -17.31
C LEU A 154 -13.19 3.42 -16.11
N ASP A 155 -13.94 2.77 -15.25
CA ASP A 155 -14.58 3.44 -14.15
C ASP A 155 -13.52 4.24 -13.34
N PRO A 156 -13.90 5.45 -12.89
CA PRO A 156 -12.99 6.28 -12.10
C PRO A 156 -12.48 5.64 -10.81
N ARG A 157 -13.20 4.62 -10.28
CA ARG A 157 -12.80 3.94 -9.06
C ARG A 157 -11.70 2.87 -9.21
N ILE A 158 -11.24 2.63 -10.45
CA ILE A 158 -10.16 1.75 -10.74
C ILE A 158 -8.89 2.55 -10.99
N GLY A 159 -7.85 2.24 -10.21
CA GLY A 159 -6.56 2.90 -10.36
C GLY A 159 -5.40 2.01 -9.96
N CYS A 161 -2.10 1.14 -7.00
CA CYS A 161 -1.28 1.19 -5.79
C CYS A 161 0.10 1.57 -6.33
N LEU A 162 0.39 2.85 -6.14
CA LEU A 162 1.65 3.42 -6.67
C LEU A 162 2.75 2.88 -5.79
N ASP A 163 3.56 2.00 -6.36
CA ASP A 163 4.71 1.42 -5.64
C ASP A 163 5.92 2.23 -6.12
N VAL A 164 6.45 3.02 -5.23
CA VAL A 164 7.45 3.98 -5.63
C VAL A 164 8.76 3.26 -6.00
N GLY A 165 9.04 2.13 -5.31
CA GLY A 165 10.26 1.40 -5.54
C GLY A 165 10.24 0.67 -6.85
N HIS A 166 9.17 -0.07 -7.11
CA HIS A 166 9.04 -0.74 -8.39
C HIS A 166 8.97 0.22 -9.57
N ASP A 167 8.32 1.35 -9.39
CA ASP A 167 8.25 2.35 -10.45
C ASP A 167 9.67 2.85 -10.79
N LEU A 168 10.45 3.19 -9.77
CA LEU A 168 11.78 3.71 -10.01
C LEU A 168 12.65 2.62 -10.65
N ARG A 169 12.48 1.36 -10.22
CA ARG A 169 13.26 0.25 -10.82
C ARG A 169 12.90 0.02 -12.28
N ASN A 170 11.69 0.40 -12.70
CA ASN A 170 11.34 0.36 -14.10
C ASN A 170 11.89 1.58 -14.87
N GLY A 171 12.69 2.45 -14.24
CA GLY A 171 13.17 3.65 -14.91
C GLY A 171 12.22 4.85 -14.98
N CYS A 172 11.22 4.86 -14.09
CA CYS A 172 10.19 5.88 -14.02
C CYS A 172 10.45 6.73 -12.82
N ASP A 173 10.04 8.00 -12.88
CA ASP A 173 10.10 8.96 -11.77
C ASP A 173 8.78 8.84 -11.00
N PRO A 174 8.81 8.28 -9.78
CA PRO A 174 7.50 8.07 -9.12
C PRO A 174 6.82 9.37 -8.70
N VAL A 175 7.62 10.43 -8.47
CA VAL A 175 7.06 11.72 -8.11
C VAL A 175 6.35 12.34 -9.35
N ALA A 176 6.98 12.26 -10.53
CA ALA A 176 6.35 12.78 -11.76
C ALA A 176 5.14 11.91 -12.14
N ASP A 177 5.23 10.59 -11.87
CA ASP A 177 4.06 9.72 -12.13
C ASP A 177 2.87 10.09 -11.20
N LEU A 178 3.18 10.35 -9.93
CA LEU A 178 2.14 10.81 -8.99
C LEU A 178 1.47 12.11 -9.49
N LYS A 179 2.28 13.06 -9.98
N LYS A 179 2.29 13.07 -9.96
CA LYS A 179 1.75 14.33 -10.52
CA LYS A 179 1.77 14.37 -10.42
C LYS A 179 0.78 14.03 -11.69
C LYS A 179 0.83 14.19 -11.61
N LYS A 180 1.23 13.21 -12.64
N LYS A 180 1.14 13.25 -12.49
CA LYS A 180 0.39 12.87 -13.80
CA LYS A 180 0.32 13.05 -13.69
C LYS A 180 -0.89 12.17 -13.42
C LYS A 180 -0.87 12.12 -13.47
N TYR A 181 -0.75 11.18 -12.55
CA TYR A 181 -1.75 10.11 -12.39
C TYR A 181 -2.56 10.16 -11.11
N HIS A 182 -2.33 11.18 -10.30
CA HIS A 182 -2.98 11.28 -8.97
C HIS A 182 -4.46 11.01 -8.90
N THR A 183 -5.20 11.34 -9.96
CA THR A 183 -6.64 11.09 -9.94
C THR A 183 -7.00 9.59 -9.85
N ARG A 184 -6.06 8.72 -10.20
CA ARG A 184 -6.22 7.28 -10.05
C ARG A 184 -5.16 6.64 -9.15
N VAL A 185 -4.54 7.37 -8.21
CA VAL A 185 -3.66 6.73 -7.22
C VAL A 185 -4.47 6.60 -5.92
N PHE A 186 -4.81 5.34 -5.58
CA PHE A 186 -5.71 5.09 -4.45
C PHE A 186 -5.01 4.49 -3.24
N ASP A 187 -3.77 4.08 -3.46
CA ASP A 187 -2.94 3.50 -2.39
C ASP A 187 -1.49 3.67 -2.81
N HIS A 189 2.60 2.04 -1.91
CA HIS A 189 3.65 1.35 -1.15
C HIS A 189 4.89 2.22 -1.19
N ILE A 190 5.36 2.57 0.01
CA ILE A 190 6.63 3.25 0.21
C ILE A 190 7.68 2.21 0.51
N LYS A 191 8.87 2.43 -0.04
CA LYS A 191 10.04 1.54 0.10
C LYS A 191 11.15 2.30 -0.61
N ASP A 192 12.37 1.83 -0.36
CA ASP A 192 13.51 2.39 -1.03
C ASP A 192 14.29 1.32 -1.80
N VAL A 193 15.04 1.73 -2.80
CA VAL A 193 15.79 0.85 -3.71
C VAL A 193 17.17 1.43 -3.98
N THR A 194 18.11 0.56 -4.40
CA THR A 194 19.53 0.96 -4.54
C THR A 194 19.85 1.51 -5.94
N ASP A 195 18.92 1.33 -6.88
CA ASP A 195 19.14 1.82 -8.24
C ASP A 195 17.83 1.92 -8.97
N SER A 196 17.77 2.82 -9.94
CA SER A 196 16.63 2.99 -10.84
C SER A 196 16.72 2.01 -12.03
N SER A 197 16.82 0.73 -11.74
CA SER A 197 16.94 -0.35 -12.72
C SER A 197 16.49 -1.64 -12.10
N LYS A 198 16.35 -2.66 -12.92
CA LYS A 198 16.02 -4.01 -12.45
C LYS A 198 17.00 -4.52 -11.38
N ALA A 199 18.26 -4.12 -11.51
CA ALA A 199 19.31 -4.48 -10.54
C ALA A 199 19.17 -3.81 -9.18
N GLY A 200 18.36 -2.76 -9.09
CA GLY A 200 18.10 -2.13 -7.78
C GLY A 200 17.45 -3.12 -6.83
N VAL A 201 17.97 -3.20 -5.60
CA VAL A 201 17.36 -4.03 -4.58
C VAL A 201 16.79 -3.18 -3.44
N GLY A 202 16.02 -3.78 -2.58
CA GLY A 202 15.43 -3.07 -1.48
C GLY A 202 16.47 -2.68 -0.47
N ILE A 203 16.20 -1.58 0.21
CA ILE A 203 17.09 -1.06 1.23
C ILE A 203 16.28 -0.19 2.19
N GLU A 204 16.84 0.11 3.34
CA GLU A 204 16.20 0.93 4.37
C GLU A 204 15.90 2.30 3.76
N ILE A 205 14.74 2.87 4.09
CA ILE A 205 14.34 4.18 3.61
C ILE A 205 15.37 5.20 4.05
N GLY A 206 15.83 5.98 3.07
CA GLY A 206 16.86 6.98 3.28
C GLY A 206 18.22 6.58 2.75
N ARG A 207 18.48 5.26 2.71
CA ARG A 207 19.75 4.72 2.22
C ARG A 207 19.80 4.59 0.70
N GLY A 208 18.66 4.58 0.06
CA GLY A 208 18.54 4.32 -1.38
C GLY A 208 18.35 5.56 -2.21
N LYS A 209 17.66 5.40 -3.32
CA LYS A 209 17.62 6.44 -4.36
C LYS A 209 16.32 7.23 -4.39
N ILE A 210 15.28 6.79 -3.69
CA ILE A 210 13.95 7.42 -3.80
C ILE A 210 13.98 8.82 -3.15
N ASP A 211 13.41 9.81 -3.83
CA ASP A 211 13.41 11.17 -3.31
C ASP A 211 12.16 11.36 -2.44
N PHE A 212 12.32 11.05 -1.16
CA PHE A 212 11.20 11.17 -0.27
C PHE A 212 10.71 12.61 -0.02
N PRO A 213 11.64 13.59 0.16
CA PRO A 213 11.16 14.92 0.28
C PRO A 213 10.29 15.35 -0.92
N ALA A 214 10.71 15.02 -2.13
CA ALA A 214 9.95 15.36 -3.31
C ALA A 214 8.57 14.68 -3.32
N LEU A 215 8.56 13.43 -2.88
CA LEU A 215 7.34 12.64 -2.80
C LEU A 215 6.38 13.32 -1.80
N ILE A 216 6.89 13.69 -0.66
CA ILE A 216 6.05 14.33 0.37
C ILE A 216 5.51 15.68 -0.12
N ARG A 217 6.34 16.49 -0.77
CA ARG A 217 5.84 17.74 -1.30
C ARG A 217 4.78 17.51 -2.37
N ARG A 220 1.37 16.59 -0.95
CA ARG A 220 0.70 17.81 -0.50
C ARG A 220 0.13 18.56 -1.72
N GLU A 221 0.91 18.65 -2.79
CA GLU A 221 0.50 19.41 -3.98
C GLU A 221 -0.75 18.82 -4.64
N VAL A 222 -0.85 17.48 -4.70
CA VAL A 222 -2.01 16.83 -5.34
C VAL A 222 -3.06 16.42 -4.33
N ASN A 223 -2.83 16.74 -3.07
CA ASN A 223 -3.68 16.38 -1.95
C ASN A 223 -4.03 14.88 -1.94
N TYR A 224 -3.00 14.04 -1.98
CA TYR A 224 -3.14 12.60 -1.76
C TYR A 224 -3.55 12.27 -0.31
N THR A 225 -4.76 11.71 -0.14
CA THR A 225 -5.31 11.47 1.18
C THR A 225 -5.40 9.98 1.52
N GLY A 226 -4.77 9.15 0.69
CA GLY A 226 -4.68 7.74 0.97
C GLY A 226 -3.54 7.42 1.89
N CYS A 228 0.17 5.64 2.77
N CYS A 228 0.36 5.70 2.90
CA CYS A 228 1.54 5.40 2.34
CA CYS A 228 1.74 5.44 2.50
C CYS A 228 1.92 4.25 3.26
C CYS A 228 2.11 4.22 3.31
N SER A 229 1.98 3.05 2.69
CA SER A 229 2.13 1.80 3.42
C SER A 229 3.50 1.19 3.15
N LEU A 230 4.29 1.04 4.22
CA LEU A 230 5.62 0.51 4.06
C LEU A 230 5.60 -0.95 3.69
N GLU A 231 6.24 -1.26 2.59
CA GLU A 231 6.42 -2.65 2.14
C GLU A 231 7.90 -2.94 2.11
N TYR A 232 8.37 -3.48 3.22
CA TYR A 232 9.80 -3.69 3.48
C TYR A 232 10.25 -5.08 3.06
N GLU A 233 11.09 -5.18 2.01
CA GLU A 233 11.43 -6.44 1.36
C GLU A 233 12.92 -6.74 1.40
N LYS A 234 13.50 -6.45 2.52
CA LYS A 234 14.88 -6.78 2.84
C LYS A 234 14.88 -7.49 4.16
N ASP A 235 15.77 -8.47 4.38
CA ASP A 235 15.92 -9.18 5.63
C ASP A 235 14.57 -9.74 6.16
N LYS A 237 13.21 -12.45 6.95
CA LYS A 237 13.14 -13.37 8.08
C LYS A 237 13.44 -12.71 9.44
N ASP A 238 13.99 -11.49 9.42
CA ASP A 238 14.27 -10.70 10.65
C ASP A 238 14.33 -9.21 10.32
N PRO A 239 13.17 -8.65 9.93
CA PRO A 239 13.17 -7.32 9.30
C PRO A 239 13.05 -6.10 10.24
N PHE A 240 12.88 -6.41 11.55
CA PHE A 240 12.41 -5.43 12.51
C PHE A 240 13.32 -4.17 12.53
N LEU A 241 14.62 -4.39 12.58
N LEU A 241 14.64 -4.33 12.61
CA LEU A 241 15.53 -3.27 12.64
CA LEU A 241 15.52 -3.14 12.62
C LEU A 241 15.43 -2.34 11.42
C LEU A 241 15.33 -2.29 11.40
N GLY A 242 15.25 -2.95 10.25
CA GLY A 242 15.11 -2.21 9.00
C GLY A 242 13.78 -1.51 8.84
N ILE A 243 12.73 -2.21 9.26
CA ILE A 243 11.37 -1.62 9.33
C ILE A 243 11.42 -0.35 10.17
N ALA A 244 12.02 -0.45 11.35
CA ALA A 244 11.99 0.69 12.32
C ALA A 244 12.85 1.85 11.87
N GLU A 245 14.04 1.55 11.30
CA GLU A 245 14.85 2.62 10.75
C GLU A 245 14.13 3.32 9.61
N SER A 246 13.48 2.55 8.72
CA SER A 246 12.80 3.14 7.60
C SER A 246 11.65 4.03 8.05
N ILE A 247 10.90 3.62 9.07
CA ILE A 247 9.81 4.39 9.64
C ILE A 247 10.34 5.68 10.26
N GLY A 248 11.41 5.58 11.02
CA GLY A 248 12.01 6.79 11.57
C GLY A 248 12.43 7.81 10.56
N TYR A 249 13.10 7.35 9.51
CA TYR A 249 13.56 8.22 8.45
C TYR A 249 12.32 8.87 7.80
N PHE A 250 11.29 8.09 7.46
CA PHE A 250 10.12 8.59 6.78
C PHE A 250 9.34 9.55 7.68
N LYS A 251 9.24 9.27 8.99
CA LYS A 251 8.57 10.20 9.89
C LYS A 251 9.26 11.58 9.85
N ALA A 252 10.60 11.55 9.90
CA ALA A 252 11.34 12.79 9.85
C ALA A 252 11.13 13.55 8.57
N VAL A 253 11.21 12.86 7.43
CA VAL A 253 10.93 13.54 6.15
C VAL A 253 9.51 14.16 6.17
N SER A 254 8.56 13.43 6.73
CA SER A 254 7.14 13.91 6.79
C SER A 254 7.02 15.18 7.65
N ASP A 255 7.81 15.20 8.73
CA ASP A 255 7.72 16.26 9.72
C ASP A 255 8.42 17.56 9.29
N LEU A 256 9.54 17.41 8.57
CA LEU A 256 10.51 18.50 8.36
C LEU A 256 10.49 19.06 6.94
N THR A 257 9.85 18.35 6.01
CA THR A 257 9.82 18.79 4.61
C THR A 257 8.78 19.89 4.52
#